data_3VIL
#
_entry.id   3VIL
#
_cell.length_a   92.908
_cell.length_b   68.536
_cell.length_c   75.663
_cell.angle_alpha   90.00
_cell.angle_beta   95.70
_cell.angle_gamma   90.00
#
_symmetry.space_group_name_H-M   'C 1 2 1'
#
loop_
_entity.id
_entity.type
_entity.pdbx_description
1 polymer Beta-glucosidase
2 non-polymer '2-(hydroxymethyl)phenyl beta-D-glucopyranoside'
3 non-polymer 2-(hydroxymethyl)phenol
4 non-polymer 1,2-ETHANEDIOL
5 non-polymer 'SODIUM ION'
6 non-polymer 'CHLORIDE ION'
7 water water
#
_entity_poly.entity_id   1
_entity_poly.type   'polypeptide(L)'
_entity_poly.pdbx_seq_one_letter_code
;MDVASSDTVYTFPDEFKLGAATASYQIEGAWDENGKGPNIWDTLTHEHPDYVVDGATGDIADDSYHLYKEDVKILKELGA
QVYRFSISWARVLPEGHDNIVNQDGIDYYNNLINELLANGIEPMVTMYHWDLPQALQDLGGWPNLVLAKYSENYARVLFK
NFGDRVKLWLTFNSPLTFMDGYASEIGMAPSINTPGIGDYLAAHTVIHAHARIYHLYDQEFRAEQGGKVGISLNINWCEP
ATNSAEDRASCENYQQFNLGLYAHPIFTEEGDYPAVLKDRVSRNSADEGYTDSRLPQFTAEEVEYIRGTHDFLGINFYTA
LLGKSGVEGYEPSRYRDSGVILTQDAAWPISASSWLKVVPWGFRKELNWIKNEYNNPPVFITENGFSDYGGLNDTGRVHY
YTEHLKEMLKAIHEDGVNVIGYTAWSLMDNFEWLRGYSEKFGIYAVDFEDPARPRIPKESAKVLAEIMNTRKIPERFRDL
EHHHHHH
;
_entity_poly.pdbx_strand_id   A
#
# COMPACT_ATOMS: atom_id res chain seq x y z
N THR A 8 5.27 21.97 -21.12
CA THR A 8 4.61 20.63 -21.28
C THR A 8 5.00 19.62 -20.21
N VAL A 9 6.30 19.52 -19.93
CA VAL A 9 6.80 18.57 -18.94
C VAL A 9 6.30 18.88 -17.52
N TYR A 10 5.69 20.06 -17.36
CA TYR A 10 5.17 20.51 -16.06
C TYR A 10 3.65 20.47 -15.95
N THR A 11 2.98 19.98 -17.00
CA THR A 11 1.52 19.93 -17.05
C THR A 11 0.99 18.50 -16.95
N PHE A 12 -0.06 18.30 -16.16
CA PHE A 12 -0.69 17.00 -16.05
C PHE A 12 -1.52 16.67 -17.29
N PRO A 13 -1.45 15.43 -17.79
CA PRO A 13 -2.35 15.01 -18.87
C PRO A 13 -3.81 15.26 -18.46
N ASP A 14 -4.65 15.60 -19.44
CA ASP A 14 -6.04 15.98 -19.18
C ASP A 14 -6.80 14.95 -18.36
N GLU A 15 -6.59 13.66 -18.65
CA GLU A 15 -7.35 12.58 -18.02
C GLU A 15 -6.75 12.11 -16.69
N PHE A 16 -5.58 12.64 -16.33
CA PHE A 16 -4.84 12.19 -15.14
C PHE A 16 -5.61 12.55 -13.88
N LYS A 17 -5.70 11.61 -12.92
CA LYS A 17 -6.52 11.86 -11.72
C LYS A 17 -5.64 12.16 -10.51
N LEU A 18 -5.92 13.26 -9.82
CA LEU A 18 -5.16 13.69 -8.64
C LEU A 18 -6.06 13.64 -7.43
N GLY A 19 -5.52 13.17 -6.31
CA GLY A 19 -6.26 13.15 -5.06
C GLY A 19 -5.41 12.84 -3.85
N ALA A 20 -6.03 12.23 -2.85
CA ALA A 20 -5.38 11.92 -1.58
C ALA A 20 -5.89 10.57 -1.05
N ALA A 21 -5.16 9.99 -0.09
CA ALA A 21 -5.39 8.63 0.37
C ALA A 21 -5.35 8.51 1.90
N THR A 22 -6.11 7.54 2.40
CA THR A 22 -6.10 7.11 3.80
C THR A 22 -6.26 5.57 3.87
N ALA A 23 -6.25 5.04 5.09
CA ALA A 23 -6.52 3.63 5.37
C ALA A 23 -7.39 3.54 6.61
N SER A 24 -8.23 2.51 6.66
CA SER A 24 -9.26 2.39 7.68
C SER A 24 -8.74 2.40 9.11
N TYR A 25 -7.81 1.52 9.46
CA TYR A 25 -7.36 1.49 10.85
C TYR A 25 -6.64 2.79 11.20
N GLN A 26 -5.99 3.39 10.22
CA GLN A 26 -5.22 4.59 10.51
C GLN A 26 -6.08 5.80 10.85
N ILE A 27 -7.33 5.82 10.39
CA ILE A 27 -8.19 7.00 10.52
C ILE A 27 -9.53 6.82 11.22
N GLU A 28 -10.12 5.62 11.19
CA GLU A 28 -11.55 5.52 11.51
C GLU A 28 -11.92 5.65 12.98
N GLY A 29 -11.14 5.02 13.85
CA GLY A 29 -11.60 4.83 15.22
C GLY A 29 -12.82 3.92 15.27
N ALA A 30 -13.68 4.15 16.26
CA ALA A 30 -14.91 3.38 16.44
C ALA A 30 -14.61 1.88 16.34
N TRP A 31 -13.55 1.45 17.02
CA TRP A 31 -12.96 0.12 16.82
C TRP A 31 -13.89 -1.02 17.24
N ASP A 32 -14.81 -0.74 18.15
CA ASP A 32 -15.78 -1.75 18.56
C ASP A 32 -17.22 -1.23 18.52
N GLU A 33 -17.45 -0.18 17.73
CA GLU A 33 -18.77 0.44 17.68
C GLU A 33 -19.70 -0.27 16.71
N ASN A 34 -20.96 -0.35 17.12
CA ASN A 34 -22.04 -0.80 16.24
C ASN A 34 -21.72 -2.09 15.48
N GLY A 35 -21.25 -3.07 16.23
CA GLY A 35 -21.10 -4.43 15.72
C GLY A 35 -19.75 -4.75 15.06
N LYS A 36 -18.84 -3.78 14.92
CA LYS A 36 -17.56 -4.08 14.30
C LYS A 36 -16.83 -5.14 15.14
N GLY A 37 -16.26 -6.13 14.47
CA GLY A 37 -15.46 -7.14 15.15
C GLY A 37 -14.01 -6.72 15.29
N PRO A 38 -13.27 -7.46 16.11
CA PRO A 38 -11.87 -7.09 16.34
C PRO A 38 -10.96 -7.55 15.19
N ASN A 39 -9.95 -6.72 14.92
CA ASN A 39 -8.93 -7.07 13.94
C ASN A 39 -7.55 -7.18 14.60
N ILE A 40 -6.56 -7.54 13.80
CA ILE A 40 -5.23 -7.82 14.34
C ILE A 40 -4.54 -6.58 14.89
N TRP A 41 -4.96 -5.39 14.44
CA TRP A 41 -4.41 -4.14 14.96
C TRP A 41 -5.07 -3.73 16.29
N ASP A 42 -6.37 -4.02 16.45
CA ASP A 42 -6.99 -3.95 17.76
C ASP A 42 -6.19 -4.82 18.73
N THR A 43 -5.93 -6.06 18.32
CA THR A 43 -5.20 -6.99 19.19
C THR A 43 -3.81 -6.50 19.51
N LEU A 44 -3.06 -6.06 18.51
CA LEU A 44 -1.70 -5.60 18.76
C LEU A 44 -1.68 -4.42 19.73
N THR A 45 -2.49 -3.41 19.44
CA THR A 45 -2.40 -2.18 20.22
C THR A 45 -2.97 -2.34 21.62
N HIS A 46 -3.89 -3.29 21.79
CA HIS A 46 -4.45 -3.56 23.12
C HIS A 46 -3.60 -4.49 23.95
N GLU A 47 -3.02 -5.52 23.33
CA GLU A 47 -2.28 -6.53 24.07
C GLU A 47 -0.79 -6.24 24.14
N HIS A 48 -0.28 -5.48 23.17
CA HIS A 48 1.16 -5.24 23.07
C HIS A 48 1.49 -3.77 22.89
N PRO A 49 1.07 -2.92 23.85
CA PRO A 49 1.36 -1.49 23.70
C PRO A 49 2.86 -1.21 23.71
N ASP A 50 3.67 -2.15 24.24
CA ASP A 50 5.11 -2.00 24.20
C ASP A 50 5.67 -2.10 22.79
N TYR A 51 4.87 -2.52 21.81
CA TYR A 51 5.33 -2.54 20.43
C TYR A 51 5.16 -1.21 19.71
N VAL A 52 4.42 -0.28 20.31
CA VAL A 52 3.98 0.91 19.62
C VAL A 52 4.52 2.14 20.36
N VAL A 53 5.02 3.12 19.62
CA VAL A 53 5.43 4.39 20.23
C VAL A 53 4.29 4.98 21.06
N ASP A 54 4.60 5.35 22.28
CA ASP A 54 3.66 5.95 23.22
C ASP A 54 2.56 4.99 23.67
N GLY A 55 2.61 3.71 23.30
CA GLY A 55 1.49 2.82 23.57
C GLY A 55 0.24 3.28 22.87
N ALA A 56 0.37 3.94 21.73
CA ALA A 56 -0.79 4.49 21.03
C ALA A 56 -1.70 3.40 20.47
N THR A 57 -2.97 3.73 20.29
CA THR A 57 -3.91 2.82 19.64
C THR A 57 -4.69 3.55 18.56
N GLY A 58 -5.31 2.79 17.67
CA GLY A 58 -6.27 3.33 16.73
C GLY A 58 -7.71 3.33 17.26
N ASP A 59 -7.92 3.30 18.57
CA ASP A 59 -9.28 3.23 19.08
C ASP A 59 -10.14 4.39 18.59
N ILE A 60 -9.53 5.57 18.53
CA ILE A 60 -10.23 6.77 18.04
C ILE A 60 -9.55 7.27 16.76
N ALA A 61 -8.23 7.41 16.75
CA ALA A 61 -7.51 7.90 15.56
C ALA A 61 -8.11 9.25 15.13
N ASP A 62 -8.43 9.42 13.85
CA ASP A 62 -9.03 10.66 13.36
C ASP A 62 -10.55 10.71 13.55
N ASP A 63 -11.10 9.62 14.08
CA ASP A 63 -12.54 9.50 14.29
C ASP A 63 -13.32 9.63 12.99
N SER A 64 -12.73 9.16 11.88
CA SER A 64 -13.41 9.26 10.59
C SER A 64 -14.68 8.41 10.48
N TYR A 65 -14.85 7.43 11.35
CA TYR A 65 -16.14 6.75 11.41
C TYR A 65 -17.27 7.76 11.68
N HIS A 66 -17.04 8.70 12.61
CA HIS A 66 -18.04 9.73 12.89
C HIS A 66 -17.88 10.96 12.02
N LEU A 67 -16.65 11.25 11.59
CA LEU A 67 -16.35 12.56 10.99
C LEU A 67 -16.16 12.48 9.48
N TYR A 68 -16.65 11.41 8.84
CA TYR A 68 -16.43 11.25 7.41
C TYR A 68 -16.87 12.47 6.58
N LYS A 69 -17.93 13.17 7.01
CA LYS A 69 -18.33 14.34 6.24
C LYS A 69 -17.29 15.46 6.27
N GLU A 70 -16.55 15.55 7.38
CA GLU A 70 -15.44 16.50 7.47
C GLU A 70 -14.30 16.11 6.53
N ASP A 71 -14.06 14.80 6.36
CA ASP A 71 -13.04 14.32 5.43
C ASP A 71 -13.43 14.73 4.01
N VAL A 72 -14.71 14.57 3.68
CA VAL A 72 -15.17 14.95 2.35
C VAL A 72 -15.04 16.47 2.13
N LYS A 73 -15.38 17.24 3.16
CA LYS A 73 -15.24 18.70 3.12
C LYS A 73 -13.80 19.11 2.80
N ILE A 74 -12.82 18.53 3.48
CA ILE A 74 -11.43 18.88 3.19
C ILE A 74 -10.96 18.39 1.83
N LEU A 75 -11.44 17.21 1.40
CA LEU A 75 -11.16 16.76 0.06
C LEU A 75 -11.69 17.72 -1.01
N LYS A 76 -12.89 18.27 -0.77
CA LYS A 76 -13.48 19.25 -1.68
C LYS A 76 -12.68 20.55 -1.67
N GLU A 77 -12.25 20.99 -0.49
CA GLU A 77 -11.40 22.19 -0.38
C GLU A 77 -10.08 21.99 -1.13
N LEU A 78 -9.48 20.80 -0.97
CA LEU A 78 -8.27 20.43 -1.67
C LEU A 78 -8.44 20.43 -3.19
N GLY A 79 -9.65 20.08 -3.65
CA GLY A 79 -9.91 19.88 -5.06
C GLY A 79 -9.56 18.49 -5.54
N ALA A 80 -9.54 17.51 -4.64
CA ALA A 80 -9.28 16.14 -5.05
C ALA A 80 -10.31 15.65 -6.06
N GLN A 81 -9.81 14.96 -7.09
CA GLN A 81 -10.67 14.28 -8.04
C GLN A 81 -11.04 12.87 -7.60
N VAL A 82 -10.18 12.30 -6.77
CA VAL A 82 -10.29 10.93 -6.31
CA VAL A 82 -10.26 10.90 -6.31
C VAL A 82 -9.87 10.86 -4.84
N TYR A 83 -10.58 10.06 -4.07
CA TYR A 83 -10.23 9.77 -2.67
C TYR A 83 -10.03 8.26 -2.59
N ARG A 84 -8.81 7.85 -2.28
CA ARG A 84 -8.50 6.44 -2.02
CA ARG A 84 -8.55 6.44 -2.02
C ARG A 84 -8.61 6.18 -0.53
N PHE A 85 -9.50 5.26 -0.16
CA PHE A 85 -9.68 4.89 1.24
C PHE A 85 -9.80 3.37 1.28
N SER A 86 -9.69 2.80 2.46
CA SER A 86 -9.84 1.34 2.56
C SER A 86 -11.07 0.98 3.37
N ILE A 87 -11.52 -0.25 3.18
CA ILE A 87 -12.64 -0.78 3.94
C ILE A 87 -12.14 -1.71 5.03
N SER A 88 -12.69 -1.53 6.23
CA SER A 88 -12.33 -2.40 7.34
C SER A 88 -13.08 -3.73 7.26
N TRP A 89 -12.35 -4.81 7.00
CA TRP A 89 -12.98 -6.11 6.83
C TRP A 89 -13.89 -6.43 8.01
N ALA A 90 -13.38 -6.27 9.24
CA ALA A 90 -14.15 -6.66 10.42
C ALA A 90 -15.30 -5.69 10.74
N ARG A 91 -15.32 -4.50 10.14
CA ARG A 91 -16.50 -3.64 10.25
C ARG A 91 -17.66 -4.14 9.39
N VAL A 92 -17.33 -4.81 8.28
CA VAL A 92 -18.34 -5.32 7.34
C VAL A 92 -18.72 -6.78 7.67
N LEU A 93 -17.71 -7.61 7.94
CA LEU A 93 -17.88 -9.03 8.30
C LEU A 93 -17.21 -9.24 9.66
N PRO A 94 -17.95 -9.04 10.75
CA PRO A 94 -17.31 -9.02 12.07
C PRO A 94 -16.61 -10.30 12.46
N GLU A 95 -17.06 -11.40 11.87
CA GLU A 95 -16.51 -12.72 12.15
CA GLU A 95 -16.52 -12.72 12.17
C GLU A 95 -15.51 -13.14 11.10
N GLY A 96 -15.22 -12.28 10.12
CA GLY A 96 -14.27 -12.59 9.06
C GLY A 96 -14.89 -13.35 7.91
N HIS A 97 -15.48 -14.49 8.26
CA HIS A 97 -16.31 -15.27 7.34
C HIS A 97 -17.55 -14.47 6.94
N ASP A 98 -18.19 -14.86 5.83
CA ASP A 98 -19.31 -14.09 5.31
C ASP A 98 -20.69 -14.44 5.85
N ASN A 99 -20.74 -15.17 6.97
CA ASN A 99 -22.03 -15.56 7.54
C ASN A 99 -22.82 -14.38 8.10
N ILE A 100 -22.12 -13.38 8.61
CA ILE A 100 -22.78 -12.21 9.21
C ILE A 100 -22.25 -10.96 8.52
N VAL A 101 -23.18 -10.20 7.93
CA VAL A 101 -22.86 -8.92 7.33
C VAL A 101 -23.37 -7.84 8.28
N ASN A 102 -22.48 -6.96 8.74
CA ASN A 102 -22.84 -5.90 9.65
C ASN A 102 -23.43 -4.74 8.88
N GLN A 103 -24.75 -4.54 8.99
CA GLN A 103 -25.44 -3.46 8.26
CA GLN A 103 -25.39 -3.47 8.22
C GLN A 103 -24.88 -2.08 8.59
N ASP A 104 -24.44 -1.89 9.82
CA ASP A 104 -23.85 -0.60 10.19
C ASP A 104 -22.62 -0.30 9.33
N GLY A 105 -21.79 -1.32 9.07
CA GLY A 105 -20.62 -1.14 8.20
C GLY A 105 -20.99 -0.85 6.75
N ILE A 106 -21.98 -1.58 6.23
CA ILE A 106 -22.53 -1.29 4.90
C ILE A 106 -22.98 0.17 4.81
N ASP A 107 -23.77 0.57 5.80
CA ASP A 107 -24.31 1.92 5.85
C ASP A 107 -23.19 2.97 5.89
N TYR A 108 -22.17 2.73 6.71
CA TYR A 108 -21.07 3.67 6.85
C TYR A 108 -20.38 3.90 5.52
N TYR A 109 -19.96 2.83 4.85
CA TYR A 109 -19.25 3.00 3.59
C TYR A 109 -20.17 3.54 2.49
N ASN A 110 -21.45 3.16 2.50
CA ASN A 110 -22.38 3.79 1.57
C ASN A 110 -22.48 5.29 1.83
N ASN A 111 -22.57 5.69 3.09
CA ASN A 111 -22.65 7.10 3.44
C ASN A 111 -21.40 7.87 2.95
N LEU A 112 -20.22 7.28 3.14
CA LEU A 112 -19.01 7.93 2.66
C LEU A 112 -19.00 8.02 1.13
N ILE A 113 -19.29 6.90 0.47
CA ILE A 113 -19.33 6.88 -1.00
C ILE A 113 -20.31 7.91 -1.56
N ASN A 114 -21.50 7.95 -0.97
CA ASN A 114 -22.52 8.87 -1.46
C ASN A 114 -22.14 10.33 -1.23
N GLU A 115 -21.53 10.61 -0.09
CA GLU A 115 -21.05 11.95 0.25
C GLU A 115 -19.97 12.40 -0.74
N LEU A 116 -19.04 11.49 -1.07
CA LEU A 116 -18.00 11.77 -2.06
C LEU A 116 -18.60 12.11 -3.42
N LEU A 117 -19.47 11.23 -3.91
CA LEU A 117 -20.10 11.45 -5.22
C LEU A 117 -20.94 12.74 -5.31
N ALA A 118 -21.65 13.08 -4.23
CA ALA A 118 -22.43 14.31 -4.16
C ALA A 118 -21.53 15.55 -4.19
N ASN A 119 -20.26 15.37 -3.87
CA ASN A 119 -19.29 16.48 -3.87
C ASN A 119 -18.33 16.39 -5.06
N GLY A 120 -18.66 15.53 -6.02
CA GLY A 120 -17.91 15.39 -7.26
C GLY A 120 -16.55 14.71 -7.12
N ILE A 121 -16.39 13.86 -6.12
CA ILE A 121 -15.13 13.17 -5.86
C ILE A 121 -15.31 11.66 -6.07
N GLU A 122 -14.45 11.04 -6.87
CA GLU A 122 -14.55 9.62 -7.18
C GLU A 122 -13.95 8.76 -6.06
N PRO A 123 -14.70 7.76 -5.57
CA PRO A 123 -14.12 6.81 -4.61
C PRO A 123 -13.21 5.78 -5.28
N MET A 124 -12.06 5.53 -4.66
CA MET A 124 -11.17 4.43 -5.03
C MET A 124 -10.98 3.60 -3.78
N VAL A 125 -11.36 2.32 -3.83
CA VAL A 125 -11.46 1.53 -2.62
C VAL A 125 -10.42 0.41 -2.57
N THR A 126 -9.65 0.43 -1.48
CA THR A 126 -8.73 -0.64 -1.14
C THR A 126 -9.47 -1.65 -0.24
N MET A 127 -9.51 -2.91 -0.66
CA MET A 127 -10.21 -3.94 0.13
C MET A 127 -9.45 -4.29 1.41
N TYR A 128 -8.12 -4.42 1.31
CA TYR A 128 -7.32 -4.90 2.43
C TYR A 128 -6.10 -4.01 2.62
N HIS A 129 -6.14 -3.24 3.70
CA HIS A 129 -5.01 -2.43 4.13
C HIS A 129 -4.67 -2.76 5.57
N TRP A 130 -4.43 -4.06 5.82
CA TRP A 130 -3.63 -4.60 6.92
C TRP A 130 -4.45 -5.02 8.13
N ASP A 131 -5.76 -4.77 8.12
CA ASP A 131 -6.62 -4.95 9.28
C ASP A 131 -7.43 -6.24 9.20
N LEU A 132 -6.72 -7.37 9.21
CA LEU A 132 -7.35 -8.70 9.13
C LEU A 132 -8.22 -8.96 10.37
N PRO A 133 -9.44 -9.49 10.19
CA PRO A 133 -10.21 -9.93 11.35
C PRO A 133 -9.43 -10.93 12.21
N GLN A 134 -9.51 -10.73 13.53
CA GLN A 134 -8.79 -11.63 14.43
C GLN A 134 -9.26 -13.08 14.27
N ALA A 135 -10.53 -13.31 13.98
CA ALA A 135 -11.02 -14.68 13.82
C ALA A 135 -10.28 -15.42 12.70
N LEU A 136 -9.81 -14.69 11.69
CA LEU A 136 -9.07 -15.29 10.59
C LEU A 136 -7.59 -15.45 10.94
N GLN A 137 -7.04 -14.50 11.68
CA GLN A 137 -5.67 -14.68 12.20
C GLN A 137 -5.57 -15.91 13.11
N ASP A 138 -6.67 -16.22 13.81
CA ASP A 138 -6.65 -17.37 14.71
C ASP A 138 -6.54 -18.70 13.98
N LEU A 139 -6.81 -18.72 12.67
CA LEU A 139 -6.57 -19.89 11.83
C LEU A 139 -5.12 -19.95 11.32
N GLY A 140 -4.34 -18.91 11.64
CA GLY A 140 -3.02 -18.72 11.12
C GLY A 140 -2.85 -17.47 10.29
N GLY A 141 -3.94 -16.86 9.85
CA GLY A 141 -3.84 -15.67 9.04
C GLY A 141 -3.25 -15.97 7.69
N TRP A 142 -2.54 -14.99 7.12
CA TRP A 142 -2.13 -15.07 5.72
C TRP A 142 -1.31 -16.32 5.35
N PRO A 143 -0.47 -16.89 6.22
CA PRO A 143 0.21 -18.15 5.85
C PRO A 143 -0.73 -19.31 5.56
N ASN A 144 -2.00 -19.23 5.97
CA ASN A 144 -2.96 -20.30 5.74
C ASN A 144 -3.78 -20.00 4.49
N LEU A 145 -3.59 -20.82 3.45
CA LEU A 145 -4.20 -20.62 2.15
C LEU A 145 -5.71 -20.59 2.16
N VAL A 146 -6.34 -21.12 3.22
CA VAL A 146 -7.78 -21.01 3.31
C VAL A 146 -8.28 -19.56 3.21
N LEU A 147 -7.42 -18.59 3.56
CA LEU A 147 -7.81 -17.18 3.48
C LEU A 147 -8.06 -16.72 2.06
N ALA A 148 -7.57 -17.42 1.03
CA ALA A 148 -7.84 -16.96 -0.33
C ALA A 148 -9.34 -17.01 -0.61
N LYS A 149 -10.01 -18.11 -0.28
CA LYS A 149 -11.45 -18.18 -0.46
C LYS A 149 -12.18 -17.20 0.44
N TYR A 150 -11.70 -17.02 1.68
CA TYR A 150 -12.35 -16.05 2.57
C TYR A 150 -12.27 -14.64 1.97
N SER A 151 -11.14 -14.35 1.33
CA SER A 151 -10.94 -13.04 0.70
C SER A 151 -11.88 -12.85 -0.49
N GLU A 152 -12.05 -13.90 -1.29
CA GLU A 152 -13.03 -13.87 -2.36
C GLU A 152 -14.43 -13.53 -1.83
N ASN A 153 -14.80 -14.19 -0.73
CA ASN A 153 -16.16 -13.99 -0.20
C ASN A 153 -16.34 -12.57 0.33
N TYR A 154 -15.29 -12.03 0.97
CA TYR A 154 -15.29 -10.64 1.42
C TYR A 154 -15.47 -9.68 0.23
N ALA A 155 -14.66 -9.88 -0.82
CA ALA A 155 -14.75 -9.05 -2.02
C ALA A 155 -16.16 -9.11 -2.64
N ARG A 156 -16.81 -10.29 -2.64
CA ARG A 156 -18.14 -10.39 -3.21
C ARG A 156 -19.10 -9.46 -2.48
N VAL A 157 -19.03 -9.43 -1.14
CA VAL A 157 -19.86 -8.50 -0.36
C VAL A 157 -19.60 -7.04 -0.76
N LEU A 158 -18.32 -6.70 -0.95
CA LEU A 158 -17.98 -5.34 -1.37
C LEU A 158 -18.48 -5.01 -2.76
N PHE A 159 -18.25 -5.88 -3.73
CA PHE A 159 -18.73 -5.62 -5.09
C PHE A 159 -20.26 -5.50 -5.11
N LYS A 160 -20.94 -6.42 -4.43
CA LYS A 160 -22.40 -6.43 -4.41
C LYS A 160 -22.97 -5.15 -3.83
N ASN A 161 -22.42 -4.69 -2.71
CA ASN A 161 -22.99 -3.53 -2.02
C ASN A 161 -22.56 -2.18 -2.56
N PHE A 162 -21.34 -2.09 -3.09
CA PHE A 162 -20.75 -0.80 -3.43
C PHE A 162 -20.39 -0.62 -4.89
N GLY A 163 -20.33 -1.71 -5.65
CA GLY A 163 -19.77 -1.69 -7.00
C GLY A 163 -20.62 -0.96 -8.03
N ASP A 164 -21.88 -0.66 -7.70
CA ASP A 164 -22.69 0.19 -8.57
C ASP A 164 -22.16 1.62 -8.61
N ARG A 165 -21.43 2.02 -7.57
CA ARG A 165 -20.89 3.37 -7.46
C ARG A 165 -19.37 3.42 -7.43
N VAL A 166 -18.72 2.33 -7.05
CA VAL A 166 -17.26 2.31 -7.00
C VAL A 166 -16.75 1.61 -8.25
N LYS A 167 -15.87 2.29 -8.99
CA LYS A 167 -15.38 1.79 -10.26
C LYS A 167 -13.85 1.60 -10.27
N LEU A 168 -13.20 1.88 -9.13
CA LEU A 168 -11.76 1.69 -9.00
C LEU A 168 -11.53 0.95 -7.70
N TRP A 169 -10.91 -0.22 -7.81
CA TRP A 169 -10.67 -1.13 -6.69
C TRP A 169 -9.21 -1.53 -6.63
N LEU A 170 -8.68 -1.65 -5.40
CA LEU A 170 -7.39 -2.31 -5.17
C LEU A 170 -7.71 -3.47 -4.25
N THR A 171 -7.21 -4.65 -4.59
CA THR A 171 -7.42 -5.80 -3.71
C THR A 171 -6.63 -5.65 -2.41
N PHE A 172 -5.32 -5.54 -2.53
CA PHE A 172 -4.38 -5.47 -1.42
C PHE A 172 -3.55 -4.21 -1.51
N ASN A 173 -3.11 -3.75 -0.33
CA ASN A 173 -2.17 -2.66 -0.22
C ASN A 173 -0.87 -3.08 0.46
N SER A 174 0.25 -2.86 -0.22
CA SER A 174 1.59 -3.07 0.35
C SER A 174 1.77 -4.43 1.02
N PRO A 175 1.46 -5.52 0.30
CA PRO A 175 1.70 -6.84 0.91
C PRO A 175 3.18 -7.07 1.22
N LEU A 176 4.10 -6.46 0.50
CA LEU A 176 5.52 -6.57 0.87
C LEU A 176 5.74 -6.13 2.32
N THR A 177 5.01 -5.11 2.76
CA THR A 177 5.10 -4.70 4.16
C THR A 177 4.31 -5.62 5.08
N PHE A 178 3.04 -5.88 4.78
CA PHE A 178 2.26 -6.63 5.76
C PHE A 178 2.69 -8.09 5.89
N MET A 179 3.33 -8.66 4.88
CA MET A 179 3.89 -9.99 5.04
C MET A 179 4.95 -10.01 6.16
N ASP A 180 5.59 -8.87 6.44
CA ASP A 180 6.58 -8.75 7.51
CA ASP A 180 6.58 -8.82 7.50
C ASP A 180 5.97 -8.95 8.89
N GLY A 181 4.63 -8.90 8.97
CA GLY A 181 3.96 -9.21 10.21
C GLY A 181 4.14 -10.67 10.60
N TYR A 182 4.67 -11.49 9.68
CA TYR A 182 4.99 -12.90 9.93
C TYR A 182 6.50 -13.10 9.97
N ALA A 183 7.27 -12.01 10.13
CA ALA A 183 8.73 -12.10 10.18
C ALA A 183 9.36 -11.47 11.43
N SER A 184 8.58 -11.18 12.46
CA SER A 184 9.12 -10.63 13.71
C SER A 184 8.13 -10.79 14.85
N GLU A 185 8.62 -11.15 16.03
CA GLU A 185 7.76 -11.26 17.21
C GLU A 185 7.29 -9.92 17.76
N ILE A 186 7.95 -8.83 17.39
CA ILE A 186 7.62 -7.50 17.91
C ILE A 186 7.20 -6.50 16.85
N GLY A 187 6.93 -6.98 15.64
CA GLY A 187 6.70 -6.07 14.52
C GLY A 187 5.24 -5.89 14.18
N MET A 188 5.01 -5.56 12.92
CA MET A 188 3.67 -5.36 12.34
CA MET A 188 3.65 -5.27 12.55
C MET A 188 2.74 -6.48 12.76
N ALA A 189 1.47 -6.18 12.96
CA ALA A 189 0.50 -7.22 13.27
C ALA A 189 0.51 -8.29 12.19
N PRO A 190 0.42 -9.59 12.57
CA PRO A 190 0.15 -10.13 13.91
C PRO A 190 1.39 -10.44 14.75
N SER A 191 2.54 -9.90 14.36
CA SER A 191 3.74 -9.97 15.21
C SER A 191 4.15 -11.43 15.46
N ILE A 192 4.26 -12.17 14.37
CA ILE A 192 4.65 -13.57 14.39
C ILE A 192 6.07 -13.72 13.85
N ASN A 193 6.90 -14.48 14.57
CA ASN A 193 8.31 -14.62 14.22
C ASN A 193 8.60 -15.86 13.35
N THR A 194 8.21 -15.77 12.07
CA THR A 194 8.52 -16.84 11.12
C THR A 194 9.24 -16.30 9.87
N PRO A 195 10.31 -15.51 10.06
CA PRO A 195 11.00 -14.95 8.88
C PRO A 195 11.51 -16.05 7.96
N GLY A 196 11.44 -15.76 6.66
CA GLY A 196 11.95 -16.66 5.66
C GLY A 196 11.07 -17.88 5.42
N ILE A 197 9.94 -17.99 6.12
CA ILE A 197 9.09 -19.17 6.06
C ILE A 197 7.62 -18.71 5.99
N GLY A 198 7.13 -18.10 7.07
CA GLY A 198 5.74 -17.69 7.13
C GLY A 198 5.42 -16.45 6.32
N ASP A 199 6.41 -15.56 6.18
CA ASP A 199 6.21 -14.41 5.31
C ASP A 199 6.04 -14.86 3.85
N TYR A 200 6.85 -15.79 3.37
CA TYR A 200 6.65 -16.33 2.01
C TYR A 200 5.26 -16.99 1.89
N LEU A 201 4.82 -17.74 2.89
CA LEU A 201 3.49 -18.35 2.83
C LEU A 201 2.41 -17.28 2.75
N ALA A 202 2.58 -16.22 3.55
CA ALA A 202 1.62 -15.11 3.49
C ALA A 202 1.55 -14.51 2.09
N ALA A 203 2.67 -14.22 1.47
CA ALA A 203 2.68 -13.67 0.11
C ALA A 203 1.94 -14.62 -0.85
N HIS A 204 2.20 -15.91 -0.72
CA HIS A 204 1.58 -16.91 -1.58
C HIS A 204 0.06 -16.85 -1.49
N THR A 205 -0.45 -16.82 -0.27
CA THR A 205 -1.89 -16.70 -0.08
C THR A 205 -2.44 -15.40 -0.65
N VAL A 206 -1.73 -14.30 -0.41
CA VAL A 206 -2.20 -13.01 -0.92
C VAL A 206 -2.32 -13.02 -2.45
N ILE A 207 -1.32 -13.60 -3.11
CA ILE A 207 -1.36 -13.65 -4.58
C ILE A 207 -2.57 -14.48 -5.04
N HIS A 208 -2.76 -15.64 -4.41
CA HIS A 208 -3.94 -16.46 -4.71
C HIS A 208 -5.23 -15.70 -4.47
N ALA A 209 -5.31 -14.98 -3.35
CA ALA A 209 -6.51 -14.22 -2.98
C ALA A 209 -6.78 -13.13 -4.02
N HIS A 210 -5.75 -12.37 -4.36
CA HIS A 210 -5.87 -11.34 -5.38
C HIS A 210 -6.47 -11.92 -6.66
N ALA A 211 -5.90 -13.05 -7.11
CA ALA A 211 -6.36 -13.67 -8.35
C ALA A 211 -7.82 -14.10 -8.25
N ARG A 212 -8.20 -14.69 -7.12
CA ARG A 212 -9.60 -15.08 -6.95
C ARG A 212 -10.51 -13.86 -7.02
N ILE A 213 -10.10 -12.76 -6.39
CA ILE A 213 -10.92 -11.56 -6.41
C ILE A 213 -11.08 -10.99 -7.82
N TYR A 214 -10.00 -10.99 -8.60
CA TYR A 214 -10.07 -10.49 -9.97
C TYR A 214 -10.99 -11.37 -10.81
N HIS A 215 -10.83 -12.68 -10.73
CA HIS A 215 -11.69 -13.59 -11.46
C HIS A 215 -13.15 -13.45 -11.04
N LEU A 216 -13.38 -13.27 -9.74
CA LEU A 216 -14.73 -13.01 -9.23
C LEU A 216 -15.36 -11.78 -9.90
N TYR A 217 -14.59 -10.71 -9.99
CA TYR A 217 -15.09 -9.50 -10.63
C TYR A 217 -15.45 -9.83 -12.08
N ASP A 218 -14.54 -10.48 -12.80
CA ASP A 218 -14.86 -10.87 -14.18
C ASP A 218 -16.15 -11.68 -14.28
N GLN A 219 -16.33 -12.64 -13.38
CA GLN A 219 -17.43 -13.61 -13.51
CA GLN A 219 -17.42 -13.62 -13.46
C GLN A 219 -18.76 -13.06 -13.03
N GLU A 220 -18.75 -12.29 -11.94
CA GLU A 220 -19.99 -11.91 -11.25
C GLU A 220 -20.36 -10.43 -11.34
N PHE A 221 -19.43 -9.56 -11.76
CA PHE A 221 -19.69 -8.12 -11.65
C PHE A 221 -19.30 -7.18 -12.79
N ARG A 222 -18.24 -7.52 -13.53
CA ARG A 222 -17.68 -6.57 -14.50
C ARG A 222 -18.66 -6.13 -15.60
N ALA A 223 -19.40 -7.08 -16.16
CA ALA A 223 -20.31 -6.72 -17.24
C ALA A 223 -21.31 -5.67 -16.80
N GLU A 224 -21.83 -5.80 -15.58
CA GLU A 224 -22.79 -4.83 -15.06
C GLU A 224 -22.14 -3.55 -14.55
N GLN A 225 -21.00 -3.68 -13.88
CA GLN A 225 -20.45 -2.55 -13.14
C GLN A 225 -19.42 -1.74 -13.91
N GLY A 226 -18.67 -2.39 -14.79
CA GLY A 226 -17.75 -1.70 -15.69
C GLY A 226 -16.56 -1.00 -15.07
N GLY A 227 -16.11 -1.46 -13.89
CA GLY A 227 -15.00 -0.84 -13.19
C GLY A 227 -13.68 -1.55 -13.46
N LYS A 228 -12.66 -1.19 -12.68
CA LYS A 228 -11.31 -1.70 -12.85
C LYS A 228 -10.77 -2.18 -11.51
N VAL A 229 -10.02 -3.27 -11.55
CA VAL A 229 -9.45 -3.88 -10.36
C VAL A 229 -7.93 -3.97 -10.52
N GLY A 230 -7.21 -3.41 -9.56
CA GLY A 230 -5.75 -3.52 -9.49
C GLY A 230 -5.30 -4.00 -8.12
N ILE A 231 -4.01 -3.85 -7.88
CA ILE A 231 -3.38 -4.19 -6.60
C ILE A 231 -2.33 -3.10 -6.37
N SER A 232 -2.11 -2.71 -5.11
CA SER A 232 -1.12 -1.67 -4.80
C SER A 232 0.11 -2.27 -4.16
N LEU A 233 1.23 -2.16 -4.87
CA LEU A 233 2.50 -2.73 -4.44
C LEU A 233 3.43 -1.58 -4.07
N ASN A 234 4.08 -1.72 -2.90
CA ASN A 234 5.11 -0.79 -2.48
C ASN A 234 6.49 -1.26 -2.92
N ILE A 235 7.35 -0.30 -3.23
CA ILE A 235 8.69 -0.63 -3.69
C ILE A 235 9.56 0.60 -3.50
N ASN A 236 10.78 0.37 -3.00
CA ASN A 236 11.83 1.38 -2.94
C ASN A 236 12.69 1.27 -4.20
N TRP A 237 13.18 2.40 -4.71
CA TRP A 237 14.26 2.31 -5.71
C TRP A 237 15.52 1.78 -5.02
N CYS A 238 16.34 1.00 -5.72
CA CYS A 238 17.61 0.51 -5.18
C CYS A 238 18.69 0.90 -6.16
N GLU A 239 19.50 1.87 -5.77
CA GLU A 239 20.54 2.43 -6.59
C GLU A 239 21.87 1.70 -6.39
N PRO A 240 22.55 1.29 -7.46
CA PRO A 240 23.83 0.59 -7.26
C PRO A 240 24.80 1.47 -6.48
N ALA A 241 25.42 0.89 -5.46
CA ALA A 241 26.36 1.66 -4.63
C ALA A 241 27.55 2.15 -5.44
N THR A 242 27.99 1.33 -6.40
CA THR A 242 28.98 1.71 -7.42
C THR A 242 28.44 1.28 -8.79
N ASN A 243 29.09 1.72 -9.88
CA ASN A 243 28.69 1.33 -11.24
C ASN A 243 29.01 -0.13 -11.66
N SER A 244 29.45 -0.97 -10.75
CA SER A 244 29.87 -2.29 -11.17
C SER A 244 28.67 -3.12 -11.62
N ALA A 245 28.98 -4.08 -12.49
CA ALA A 245 27.98 -5.07 -12.89
C ALA A 245 27.45 -5.85 -11.69
N GLU A 246 28.32 -6.16 -10.74
CA GLU A 246 27.92 -6.90 -9.54
C GLU A 246 26.96 -6.09 -8.68
N ASP A 247 27.19 -4.78 -8.54
CA ASP A 247 26.27 -3.98 -7.73
C ASP A 247 24.95 -3.80 -8.47
N ARG A 248 25.01 -3.64 -9.79
CA ARG A 248 23.78 -3.63 -10.57
C ARG A 248 22.99 -4.93 -10.40
N ALA A 249 23.68 -6.07 -10.39
CA ALA A 249 23.01 -7.36 -10.19
C ALA A 249 22.28 -7.39 -8.85
N SER A 250 22.91 -6.84 -7.82
CA SER A 250 22.30 -6.81 -6.49
C SER A 250 21.02 -5.98 -6.46
N CYS A 251 21.00 -4.87 -7.19
CA CYS A 251 19.81 -4.03 -7.27
C CYS A 251 18.67 -4.67 -8.06
N GLU A 252 19.02 -5.42 -9.11
CA GLU A 252 18.01 -6.21 -9.81
C GLU A 252 17.46 -7.28 -8.87
N ASN A 253 18.32 -7.94 -8.10
CA ASN A 253 17.84 -8.85 -7.06
C ASN A 253 16.83 -8.15 -6.14
N TYR A 254 17.17 -6.93 -5.71
CA TYR A 254 16.26 -6.20 -4.83
C TYR A 254 14.90 -6.01 -5.49
N GLN A 255 14.90 -5.53 -6.74
CA GLN A 255 13.62 -5.33 -7.41
C GLN A 255 12.82 -6.62 -7.49
N GLN A 256 13.47 -7.71 -7.88
CA GLN A 256 12.76 -8.97 -8.03
C GLN A 256 12.24 -9.53 -6.70
N PHE A 257 13.01 -9.38 -5.62
CA PHE A 257 12.62 -9.88 -4.31
C PHE A 257 11.55 -9.05 -3.63
N ASN A 258 11.40 -7.79 -4.02
CA ASN A 258 10.52 -6.85 -3.33
C ASN A 258 9.29 -6.55 -4.15
N LEU A 259 9.48 -6.14 -5.39
CA LEU A 259 8.35 -5.90 -6.32
C LEU A 259 8.01 -7.16 -7.11
N GLY A 260 9.02 -7.81 -7.69
CA GLY A 260 8.78 -8.98 -8.55
C GLY A 260 8.08 -10.12 -7.85
N LEU A 261 8.31 -10.27 -6.54
CA LEU A 261 7.65 -11.30 -5.75
CA LEU A 261 7.65 -11.29 -5.72
C LEU A 261 6.14 -11.30 -6.00
N TYR A 262 5.53 -10.11 -6.03
CA TYR A 262 4.10 -9.94 -6.30
C TYR A 262 3.79 -9.66 -7.76
N ALA A 263 4.62 -8.86 -8.42
CA ALA A 263 4.27 -8.40 -9.76
C ALA A 263 4.60 -9.40 -10.85
N HIS A 264 5.64 -10.22 -10.67
CA HIS A 264 5.92 -11.19 -11.74
C HIS A 264 4.81 -12.21 -11.94
N PRO A 265 4.19 -12.71 -10.85
CA PRO A 265 3.09 -13.66 -11.09
C PRO A 265 1.91 -13.06 -11.82
N ILE A 266 1.66 -11.77 -11.59
CA ILE A 266 0.42 -11.13 -12.06
C ILE A 266 0.62 -10.40 -13.40
N PHE A 267 1.73 -9.69 -13.55
CA PHE A 267 1.86 -8.67 -14.59
C PHE A 267 2.74 -9.09 -15.78
N THR A 268 3.32 -10.28 -15.74
CA THR A 268 4.17 -10.74 -16.86
C THR A 268 3.45 -11.81 -17.66
N GLU A 269 3.89 -11.98 -18.91
CA GLU A 269 3.37 -13.06 -19.76
C GLU A 269 3.77 -14.44 -19.24
N GLU A 270 4.93 -14.54 -18.60
CA GLU A 270 5.41 -15.82 -18.10
C GLU A 270 4.64 -16.22 -16.82
N GLY A 271 4.30 -15.24 -16.00
CA GLY A 271 3.75 -15.53 -14.69
C GLY A 271 4.78 -16.21 -13.80
N ASP A 272 4.27 -16.76 -12.68
CA ASP A 272 5.12 -17.38 -11.64
C ASP A 272 5.97 -16.33 -10.92
N TYR A 273 6.61 -16.78 -9.84
CA TYR A 273 7.63 -15.96 -9.19
C TYR A 273 8.80 -15.70 -10.14
N PRO A 274 9.57 -14.63 -9.91
CA PRO A 274 10.83 -14.46 -10.65
C PRO A 274 11.77 -15.65 -10.47
N ALA A 275 12.47 -16.01 -11.54
CA ALA A 275 13.42 -17.12 -11.45
C ALA A 275 14.45 -16.89 -10.35
N VAL A 276 14.96 -15.67 -10.19
CA VAL A 276 16.00 -15.46 -9.18
C VAL A 276 15.48 -15.73 -7.77
N LEU A 277 14.20 -15.45 -7.53
CA LEU A 277 13.61 -15.73 -6.23
CA LEU A 277 13.61 -15.72 -6.24
C LEU A 277 13.52 -17.24 -6.02
N LYS A 278 12.97 -17.95 -6.99
CA LYS A 278 12.85 -19.39 -6.89
C LYS A 278 14.24 -20.01 -6.68
N ASP A 279 15.21 -19.62 -7.51
CA ASP A 279 16.52 -20.26 -7.47
C ASP A 279 17.31 -19.95 -6.20
N ARG A 280 17.34 -18.70 -5.76
CA ARG A 280 18.11 -18.35 -4.58
C ARG A 280 17.54 -19.02 -3.34
N VAL A 281 16.20 -19.02 -3.22
CA VAL A 281 15.62 -19.65 -2.04
C VAL A 281 15.79 -21.16 -2.07
N SER A 282 15.68 -21.78 -3.24
CA SER A 282 15.91 -23.22 -3.37
CA SER A 282 15.88 -23.22 -3.27
C SER A 282 17.32 -23.58 -2.91
N ARG A 283 18.31 -22.84 -3.43
CA ARG A 283 19.70 -23.12 -3.10
C ARG A 283 19.93 -22.91 -1.60
N ASN A 284 19.46 -21.79 -1.06
CA ASN A 284 19.71 -21.50 0.36
C ASN A 284 19.04 -22.54 1.25
N SER A 285 17.84 -22.97 0.86
CA SER A 285 17.12 -23.97 1.65
C SER A 285 17.86 -25.29 1.66
N ALA A 286 18.36 -25.70 0.50
CA ALA A 286 19.13 -26.93 0.41
C ALA A 286 20.39 -26.84 1.27
N ASP A 287 21.11 -25.72 1.17
CA ASP A 287 22.37 -25.55 1.88
C ASP A 287 22.16 -25.58 3.39
N GLU A 288 21.00 -25.16 3.86
CA GLU A 288 20.75 -25.17 5.28
C GLU A 288 20.02 -26.41 5.78
N GLY A 289 19.82 -27.40 4.92
CA GLY A 289 19.42 -28.73 5.34
C GLY A 289 17.95 -29.02 5.18
N TYR A 290 17.15 -28.09 4.66
CA TYR A 290 15.74 -28.37 4.46
C TYR A 290 15.55 -29.37 3.33
N THR A 291 14.63 -30.32 3.52
CA THR A 291 14.22 -31.20 2.43
C THR A 291 13.53 -30.41 1.32
N ASP A 292 12.68 -29.46 1.70
CA ASP A 292 11.86 -28.67 0.79
C ASP A 292 12.26 -27.21 0.80
N SER A 293 12.21 -26.57 -0.37
CA SER A 293 12.44 -25.13 -0.42
C SER A 293 11.48 -24.40 0.50
N ARG A 294 12.00 -23.37 1.16
CA ARG A 294 11.14 -22.47 1.93
C ARG A 294 10.19 -21.64 1.08
N LEU A 295 10.42 -21.58 -0.24
CA LEU A 295 9.53 -20.81 -1.09
C LEU A 295 8.39 -21.71 -1.58
N PRO A 296 7.12 -21.35 -1.32
CA PRO A 296 6.02 -22.17 -1.85
C PRO A 296 6.00 -22.12 -3.39
N GLN A 297 5.34 -23.10 -3.98
CA GLN A 297 5.30 -23.26 -5.43
C GLN A 297 3.89 -23.11 -5.98
N PHE A 298 3.81 -22.54 -7.17
CA PHE A 298 2.57 -22.56 -7.94
C PHE A 298 2.61 -23.74 -8.91
N THR A 299 1.50 -24.43 -9.07
CA THR A 299 1.36 -25.37 -10.19
C THR A 299 1.24 -24.61 -11.50
N ALA A 300 1.39 -25.31 -12.62
CA ALA A 300 1.18 -24.69 -13.92
C ALA A 300 -0.22 -24.10 -14.07
N GLU A 301 -1.23 -24.80 -13.58
CA GLU A 301 -2.60 -24.29 -13.65
C GLU A 301 -2.73 -23.01 -12.83
N GLU A 302 -2.10 -22.97 -11.66
CA GLU A 302 -2.16 -21.77 -10.83
C GLU A 302 -1.44 -20.59 -11.49
N VAL A 303 -0.29 -20.86 -12.12
CA VAL A 303 0.44 -19.82 -12.84
C VAL A 303 -0.49 -19.17 -13.89
N GLU A 304 -1.16 -20.01 -14.66
CA GLU A 304 -2.08 -19.51 -15.67
C GLU A 304 -3.26 -18.73 -15.08
N TYR A 305 -3.80 -19.20 -13.96
CA TYR A 305 -4.93 -18.54 -13.31
C TYR A 305 -4.54 -17.14 -12.80
N ILE A 306 -3.33 -17.03 -12.24
CA ILE A 306 -2.91 -15.80 -11.60
C ILE A 306 -2.43 -14.77 -12.63
N ARG A 307 -1.73 -15.21 -13.68
CA ARG A 307 -1.21 -14.23 -14.61
C ARG A 307 -2.35 -13.52 -15.36
N GLY A 308 -2.19 -12.21 -15.52
CA GLY A 308 -3.17 -11.39 -16.23
C GLY A 308 -4.29 -10.84 -15.38
N THR A 309 -4.24 -11.05 -14.07
CA THR A 309 -5.30 -10.61 -13.17
C THR A 309 -5.14 -9.15 -12.78
N HIS A 310 -5.24 -8.25 -13.76
CA HIS A 310 -5.03 -6.85 -13.47
C HIS A 310 -5.66 -5.96 -14.53
N ASP A 311 -6.21 -4.83 -14.09
CA ASP A 311 -6.62 -3.75 -15.00
C ASP A 311 -5.68 -2.55 -14.92
N PHE A 312 -4.84 -2.50 -13.86
CA PHE A 312 -3.84 -1.46 -13.66
C PHE A 312 -2.97 -1.94 -12.51
N LEU A 313 -1.83 -1.26 -12.37
CA LEU A 313 -0.91 -1.48 -11.26
C LEU A 313 -0.91 -0.27 -10.33
N GLY A 314 -1.20 -0.48 -9.05
CA GLY A 314 -1.03 0.57 -8.04
C GLY A 314 0.40 0.53 -7.51
N ILE A 315 1.00 1.70 -7.34
CA ILE A 315 2.35 1.79 -6.77
C ILE A 315 2.35 2.71 -5.55
N ASN A 316 2.96 2.22 -4.47
CA ASN A 316 3.25 3.01 -3.29
C ASN A 316 4.74 3.25 -3.26
N PHE A 317 5.13 4.52 -3.42
CA PHE A 317 6.53 4.87 -3.55
C PHE A 317 6.88 5.97 -2.55
N TYR A 318 7.97 5.78 -1.82
CA TYR A 318 8.40 6.77 -0.83
C TYR A 318 9.90 7.11 -0.89
N THR A 319 10.77 6.17 -1.23
CA THR A 319 12.19 6.36 -0.96
C THR A 319 13.07 5.43 -1.78
N ALA A 320 14.36 5.56 -1.54
CA ALA A 320 15.39 4.77 -2.19
C ALA A 320 16.39 4.22 -1.17
N LEU A 321 17.08 3.17 -1.59
CA LEU A 321 18.21 2.58 -0.87
C LEU A 321 19.38 2.49 -1.84
N LEU A 322 20.58 2.28 -1.29
CA LEU A 322 21.75 1.86 -2.05
C LEU A 322 21.92 0.36 -1.89
N GLY A 323 22.27 -0.30 -3.00
CA GLY A 323 22.50 -1.74 -2.98
C GLY A 323 23.89 -2.08 -3.48
N LYS A 324 24.53 -3.00 -2.78
CA LYS A 324 25.80 -3.53 -3.25
C LYS A 324 25.79 -5.05 -3.19
N SER A 325 26.68 -5.64 -3.98
CA SER A 325 26.80 -7.09 -4.05
C SER A 325 27.20 -7.69 -2.70
N GLY A 326 26.55 -8.79 -2.35
CA GLY A 326 26.82 -9.47 -1.10
C GLY A 326 25.56 -10.04 -0.49
N VAL A 327 25.73 -10.65 0.68
CA VAL A 327 24.62 -11.26 1.38
C VAL A 327 24.75 -10.85 2.84
N GLU A 328 23.66 -10.39 3.43
CA GLU A 328 23.65 -10.25 4.90
C GLU A 328 22.23 -10.45 5.40
N GLY A 329 22.08 -10.48 6.73
CA GLY A 329 20.79 -10.74 7.36
C GLY A 329 20.78 -12.07 8.07
N TYR A 330 19.72 -12.29 8.85
CA TYR A 330 19.61 -13.53 9.60
C TYR A 330 19.18 -14.69 8.72
N GLU A 331 19.57 -15.89 9.13
CA GLU A 331 19.18 -17.11 8.43
C GLU A 331 18.09 -17.80 9.24
N PRO A 332 16.91 -18.04 8.65
CA PRO A 332 16.46 -17.63 7.31
C PRO A 332 15.78 -16.26 7.34
N SER A 333 15.87 -15.55 6.22
CA SER A 333 15.09 -14.32 6.08
C SER A 333 15.03 -13.95 4.62
N ARG A 334 14.02 -13.16 4.26
CA ARG A 334 13.95 -12.70 2.88
CA ARG A 334 13.90 -12.65 2.89
C ARG A 334 15.08 -11.76 2.53
N TYR A 335 15.49 -10.91 3.47
CA TYR A 335 16.63 -10.03 3.19
C TYR A 335 17.88 -10.85 2.88
N ARG A 336 18.16 -11.86 3.69
CA ARG A 336 19.32 -12.69 3.42
C ARG A 336 19.20 -13.42 2.08
N ASP A 337 18.00 -13.95 1.80
CA ASP A 337 17.78 -14.64 0.53
C ASP A 337 17.99 -13.72 -0.68
N SER A 338 17.71 -12.43 -0.54
CA SER A 338 17.71 -11.50 -1.67
C SER A 338 19.09 -11.21 -2.25
N GLY A 339 20.18 -11.43 -1.50
CA GLY A 339 21.51 -11.23 -2.07
C GLY A 339 21.81 -9.80 -2.47
N VAL A 340 21.54 -8.88 -1.54
CA VAL A 340 21.95 -7.49 -1.69
C VAL A 340 22.25 -6.94 -0.31
N ILE A 341 23.26 -6.07 -0.20
CA ILE A 341 23.55 -5.37 1.05
C ILE A 341 23.05 -3.94 0.89
N LEU A 342 22.13 -3.58 1.77
CA LEU A 342 21.38 -2.33 1.63
C LEU A 342 21.81 -1.28 2.64
N THR A 343 21.96 -0.05 2.16
CA THR A 343 22.30 1.08 3.01
C THR A 343 21.53 2.29 2.49
N GLN A 344 21.66 3.41 3.21
CA GLN A 344 21.17 4.73 2.83
CA GLN A 344 21.18 4.68 2.65
C GLN A 344 22.36 5.67 2.68
N ASP A 345 22.29 6.62 1.76
CA ASP A 345 23.32 7.64 1.66
C ASP A 345 23.07 8.72 2.71
N ALA A 346 24.09 9.03 3.50
CA ALA A 346 24.00 10.06 4.52
C ALA A 346 23.68 11.44 3.96
N ALA A 347 24.00 11.66 2.68
CA ALA A 347 23.75 12.96 2.09
C ALA A 347 22.28 13.23 1.78
N TRP A 348 21.47 12.17 1.69
CA TRP A 348 20.07 12.35 1.32
C TRP A 348 19.31 13.05 2.45
N PRO A 349 18.38 13.98 2.11
CA PRO A 349 17.61 14.63 3.16
C PRO A 349 16.79 13.60 3.93
N ILE A 350 16.62 13.87 5.22
CA ILE A 350 15.93 12.96 6.11
C ILE A 350 14.47 13.34 6.30
N SER A 351 13.74 12.46 7.00
CA SER A 351 12.35 12.71 7.38
C SER A 351 12.22 12.42 8.87
N ALA A 352 11.00 12.27 9.36
CA ALA A 352 10.77 11.78 10.72
C ALA A 352 10.70 10.25 10.81
N SER A 353 10.95 9.58 9.68
CA SER A 353 10.89 8.12 9.63
C SER A 353 12.25 7.58 9.26
N SER A 354 12.80 6.68 10.08
CA SER A 354 14.17 6.22 9.89
C SER A 354 14.42 5.62 8.51
N TRP A 355 13.40 5.00 7.93
CA TRP A 355 13.51 4.29 6.67
C TRP A 355 13.32 5.20 5.46
N LEU A 356 12.86 6.44 5.66
CA LEU A 356 12.41 7.29 4.56
C LEU A 356 13.37 8.47 4.39
N LYS A 357 14.15 8.42 3.32
CA LYS A 357 15.01 9.53 2.88
C LYS A 357 14.44 10.11 1.58
N VAL A 358 14.75 11.37 1.34
CA VAL A 358 14.19 12.06 0.16
C VAL A 358 15.08 11.88 -1.05
N VAL A 359 14.63 11.06 -2.00
CA VAL A 359 15.43 10.73 -3.19
C VAL A 359 14.52 10.79 -4.44
N PRO A 360 14.13 12.00 -4.86
CA PRO A 360 13.04 12.09 -5.85
C PRO A 360 13.34 11.44 -7.19
N TRP A 361 14.59 11.52 -7.65
CA TRP A 361 14.98 10.89 -8.90
C TRP A 361 14.80 9.37 -8.84
N GLY A 362 14.79 8.79 -7.65
CA GLY A 362 14.56 7.35 -7.53
C GLY A 362 13.17 6.97 -7.98
N PHE A 363 12.23 7.92 -7.88
CA PHE A 363 10.86 7.68 -8.32
C PHE A 363 10.82 7.49 -9.84
N ARG A 364 11.50 8.38 -10.56
CA ARG A 364 11.59 8.26 -12.01
C ARG A 364 12.27 6.95 -12.41
N LYS A 365 13.36 6.60 -11.72
CA LYS A 365 14.03 5.34 -12.03
C LYS A 365 13.12 4.15 -11.81
N GLU A 366 12.37 4.16 -10.71
CA GLU A 366 11.48 3.05 -10.43
C GLU A 366 10.40 2.92 -11.50
N LEU A 367 9.81 4.06 -11.88
CA LEU A 367 8.77 4.05 -12.91
C LEU A 367 9.29 3.49 -14.24
N ASN A 368 10.53 3.82 -14.59
CA ASN A 368 11.14 3.23 -15.78
C ASN A 368 11.39 1.74 -15.62
N TRP A 369 11.83 1.29 -14.45
CA TRP A 369 12.06 -0.14 -14.23
C TRP A 369 10.76 -0.91 -14.44
N ILE A 370 9.67 -0.40 -13.86
CA ILE A 370 8.34 -0.99 -14.01
C ILE A 370 7.89 -1.00 -15.47
N LYS A 371 8.06 0.11 -16.17
CA LYS A 371 7.70 0.19 -17.57
C LYS A 371 8.39 -0.93 -18.36
N ASN A 372 9.69 -1.09 -18.14
CA ASN A 372 10.44 -2.06 -18.91
C ASN A 372 10.15 -3.50 -18.52
N GLU A 373 9.92 -3.76 -17.24
CA GLU A 373 9.74 -5.13 -16.76
C GLU A 373 8.34 -5.63 -17.11
N TYR A 374 7.34 -4.75 -17.04
CA TYR A 374 5.94 -5.18 -17.12
C TYR A 374 5.23 -4.66 -18.37
N ASN A 375 6.00 -4.20 -19.35
CA ASN A 375 5.44 -3.73 -20.63
C ASN A 375 4.46 -2.56 -20.45
N ASN A 376 4.92 -1.58 -19.69
CA ASN A 376 4.23 -0.31 -19.54
C ASN A 376 2.76 -0.44 -19.13
N PRO A 377 2.48 -1.13 -18.02
CA PRO A 377 1.09 -1.17 -17.58
C PRO A 377 0.60 0.23 -17.16
N PRO A 378 -0.72 0.45 -17.18
CA PRO A 378 -1.21 1.68 -16.55
C PRO A 378 -0.89 1.65 -15.06
N VAL A 379 -0.26 2.72 -14.57
CA VAL A 379 0.21 2.80 -13.20
C VAL A 379 -0.53 3.93 -12.50
N PHE A 380 -1.12 3.62 -11.34
CA PHE A 380 -1.77 4.63 -10.50
C PHE A 380 -0.91 4.72 -9.25
N ILE A 381 -0.37 5.91 -8.95
CA ILE A 381 0.42 6.09 -7.73
C ILE A 381 -0.58 6.21 -6.59
N THR A 382 -0.67 5.13 -5.80
CA THR A 382 -1.67 5.10 -4.75
C THR A 382 -1.18 5.66 -3.41
N GLU A 383 0.14 5.82 -3.26
CA GLU A 383 0.73 6.49 -2.10
C GLU A 383 2.05 7.10 -2.48
N ASN A 384 2.29 8.31 -1.96
CA ASN A 384 3.58 8.99 -2.01
C ASN A 384 3.48 10.11 -0.98
N GLY A 385 4.47 10.24 -0.10
CA GLY A 385 4.38 11.29 0.93
C GLY A 385 5.57 11.24 1.86
N PHE A 386 5.51 12.07 2.90
CA PHE A 386 6.68 12.47 3.68
C PHE A 386 6.26 12.71 5.12
N SER A 387 7.14 12.33 6.04
CA SER A 387 6.85 12.52 7.45
C SER A 387 7.67 13.64 8.09
N ASP A 388 7.03 14.30 9.05
CA ASP A 388 7.72 15.19 9.98
C ASP A 388 7.11 14.94 11.36
N TYR A 389 7.53 15.70 12.37
CA TYR A 389 7.04 15.47 13.72
C TYR A 389 5.89 16.40 14.09
N GLY A 390 5.52 17.30 13.19
CA GLY A 390 4.46 18.28 13.46
C GLY A 390 4.75 19.58 12.74
N GLY A 391 3.80 20.52 12.79
CA GLY A 391 3.97 21.81 12.13
C GLY A 391 3.10 22.00 10.90
N LEU A 392 2.60 23.22 10.75
CA LEU A 392 1.82 23.60 9.59
C LEU A 392 2.65 24.19 8.46
N ASN A 393 3.81 24.76 8.79
CA ASN A 393 4.66 25.33 7.75
C ASN A 393 5.64 24.25 7.28
N ASP A 394 5.08 23.27 6.60
CA ASP A 394 5.78 22.01 6.33
C ASP A 394 6.56 22.06 5.02
N THR A 395 7.59 22.90 5.04
CA THR A 395 8.41 23.14 3.86
CA THR A 395 8.37 23.13 3.83
C THR A 395 9.02 21.86 3.28
N GLY A 396 9.45 20.97 4.16
CA GLY A 396 10.01 19.68 3.75
C GLY A 396 9.01 18.88 2.95
N ARG A 397 7.77 18.82 3.43
CA ARG A 397 6.71 18.10 2.72
C ARG A 397 6.35 18.77 1.39
N VAL A 398 6.29 20.10 1.37
CA VAL A 398 6.04 20.82 0.12
C VAL A 398 7.10 20.46 -0.93
N HIS A 399 8.37 20.50 -0.53
CA HIS A 399 9.51 20.17 -1.41
C HIS A 399 9.44 18.71 -1.84
N TYR A 400 9.09 17.82 -0.91
CA TYR A 400 8.94 16.42 -1.26
C TYR A 400 7.91 16.25 -2.38
N TYR A 401 6.73 16.86 -2.20
CA TYR A 401 5.69 16.71 -3.21
C TYR A 401 6.05 17.34 -4.54
N THR A 402 6.57 18.57 -4.52
CA THR A 402 6.86 19.23 -5.79
C THR A 402 7.95 18.48 -6.56
N GLU A 403 8.98 17.99 -5.86
CA GLU A 403 10.02 17.24 -6.55
C GLU A 403 9.50 15.90 -7.05
N HIS A 404 8.74 15.17 -6.23
CA HIS A 404 8.26 13.85 -6.71
C HIS A 404 7.32 13.99 -7.88
N LEU A 405 6.46 15.01 -7.84
CA LEU A 405 5.56 15.22 -8.95
C LEU A 405 6.28 15.66 -10.21
N LYS A 406 7.31 16.50 -10.08
CA LYS A 406 8.17 16.79 -11.24
C LYS A 406 8.80 15.55 -11.84
N GLU A 407 9.31 14.65 -11.00
CA GLU A 407 9.97 13.44 -11.47
C GLU A 407 8.97 12.51 -12.16
N MET A 408 7.78 12.41 -11.59
CA MET A 408 6.72 11.62 -12.21
C MET A 408 6.33 12.20 -13.56
N LEU A 409 6.21 13.53 -13.65
CA LEU A 409 5.87 14.17 -14.91
C LEU A 409 6.96 13.97 -15.98
N LYS A 410 8.22 13.92 -15.58
CA LYS A 410 9.28 13.57 -16.52
C LYS A 410 9.12 12.12 -16.96
N ALA A 411 8.80 11.22 -16.03
CA ALA A 411 8.56 9.83 -16.41
C ALA A 411 7.45 9.73 -17.47
N ILE A 412 6.39 10.51 -17.28
CA ILE A 412 5.26 10.51 -18.23
C ILE A 412 5.68 11.10 -19.58
N HIS A 413 6.14 12.35 -19.54
CA HIS A 413 6.33 13.10 -20.76
C HIS A 413 7.62 12.77 -21.51
N GLU A 414 8.71 12.61 -20.76
CA GLU A 414 10.00 12.31 -21.37
C GLU A 414 10.21 10.82 -21.61
N ASP A 415 9.68 9.97 -20.73
CA ASP A 415 10.04 8.55 -20.77
C ASP A 415 8.87 7.67 -21.24
N GLY A 416 7.69 8.26 -21.44
CA GLY A 416 6.57 7.49 -21.95
C GLY A 416 5.96 6.49 -20.99
N VAL A 417 6.12 6.71 -19.68
CA VAL A 417 5.51 5.82 -18.69
C VAL A 417 4.01 6.13 -18.55
N ASN A 418 3.17 5.10 -18.62
CA ASN A 418 1.72 5.33 -18.57
C ASN A 418 1.19 5.48 -17.14
N VAL A 419 1.58 6.56 -16.48
CA VAL A 419 1.03 6.87 -15.17
C VAL A 419 -0.32 7.57 -15.36
N ILE A 420 -1.36 7.06 -14.69
CA ILE A 420 -2.73 7.51 -14.89
C ILE A 420 -3.35 8.25 -13.72
N GLY A 421 -2.72 8.24 -12.54
CA GLY A 421 -3.28 8.95 -11.41
C GLY A 421 -2.32 8.96 -10.26
N TYR A 422 -2.63 9.76 -9.25
CA TYR A 422 -1.77 9.95 -8.10
C TYR A 422 -2.60 10.39 -6.89
N THR A 423 -2.50 9.64 -5.80
CA THR A 423 -3.12 10.05 -4.53
C THR A 423 -2.02 10.22 -3.49
N ALA A 424 -1.89 11.43 -2.97
CA ALA A 424 -0.96 11.78 -1.89
C ALA A 424 -1.26 10.98 -0.63
N TRP A 425 -0.22 10.41 -0.01
CA TRP A 425 -0.33 9.87 1.33
C TRP A 425 0.20 10.90 2.32
N SER A 426 -0.63 11.42 3.23
CA SER A 426 -2.02 11.09 3.44
C SER A 426 -2.85 12.37 3.50
N LEU A 427 -4.16 12.21 3.31
CA LEU A 427 -5.07 13.34 3.51
C LEU A 427 -4.85 14.02 4.86
N MET A 428 -4.66 13.24 5.91
CA MET A 428 -4.50 13.79 7.26
CA MET A 428 -4.40 13.85 7.21
C MET A 428 -3.49 12.99 8.08
N ASP A 429 -2.90 13.64 9.09
CA ASP A 429 -2.10 12.93 10.08
C ASP A 429 -2.98 11.84 10.65
N ASN A 430 -2.39 10.68 10.92
CA ASN A 430 -3.17 9.52 11.30
C ASN A 430 -2.34 8.58 12.16
N PHE A 431 -2.90 7.42 12.51
CA PHE A 431 -2.17 6.42 13.28
C PHE A 431 -1.15 5.73 12.37
N GLU A 432 0.13 6.05 12.58
CA GLU A 432 1.22 5.52 11.76
C GLU A 432 1.75 4.20 12.33
N TRP A 433 0.85 3.21 12.44
CA TRP A 433 1.23 1.85 12.77
C TRP A 433 2.09 1.81 14.04
N LEU A 434 3.22 1.12 14.00
CA LEU A 434 4.05 0.99 15.21
C LEU A 434 4.62 2.33 15.70
N ARG A 435 4.52 3.37 14.86
CA ARG A 435 5.03 4.67 15.24
C ARG A 435 3.95 5.48 15.93
N GLY A 436 2.75 4.95 16.06
CA GLY A 436 1.69 5.68 16.75
C GLY A 436 1.39 7.00 16.05
N TYR A 437 1.18 8.03 16.87
CA TYR A 437 0.91 9.37 16.34
C TYR A 437 2.18 10.22 16.29
N SER A 438 3.35 9.60 16.45
CA SER A 438 4.61 10.35 16.54
C SER A 438 5.11 10.85 15.18
N GLU A 439 4.76 10.14 14.12
CA GLU A 439 5.18 10.52 12.77
C GLU A 439 3.97 11.01 12.00
N LYS A 440 4.10 12.19 11.41
CA LYS A 440 2.99 12.88 10.76
C LYS A 440 3.20 12.82 9.25
N PHE A 441 2.25 12.21 8.54
CA PHE A 441 2.30 12.10 7.08
C PHE A 441 1.21 12.94 6.40
N GLY A 442 0.39 13.65 7.17
CA GLY A 442 -0.73 14.37 6.58
C GLY A 442 -0.39 15.63 5.82
N ILE A 443 -1.27 15.98 4.88
CA ILE A 443 -1.30 17.34 4.33
C ILE A 443 -2.25 18.25 5.12
N TYR A 444 -3.14 17.61 5.89
CA TYR A 444 -3.93 18.27 6.93
C TYR A 444 -3.44 17.79 8.30
N ALA A 445 -3.28 18.72 9.24
CA ALA A 445 -2.93 18.39 10.61
C ALA A 445 -4.17 18.03 11.40
N VAL A 446 -4.01 17.13 12.36
CA VAL A 446 -5.10 16.74 13.27
C VAL A 446 -4.61 16.82 14.70
N ASP A 447 -5.40 17.48 15.54
CA ASP A 447 -5.09 17.57 16.97
C ASP A 447 -5.64 16.35 17.70
N PHE A 448 -4.76 15.40 18.01
CA PHE A 448 -5.17 14.15 18.66
C PHE A 448 -5.48 14.31 20.15
N GLU A 449 -5.32 15.53 20.67
CA GLU A 449 -5.68 15.82 22.05
C GLU A 449 -7.06 16.48 22.12
N ASP A 450 -7.62 16.83 20.96
CA ASP A 450 -8.89 17.52 20.88
C ASP A 450 -9.93 16.48 20.46
N PRO A 451 -10.93 16.18 21.33
CA PRO A 451 -11.93 15.16 21.03
C PRO A 451 -12.66 15.35 19.70
N ALA A 452 -12.70 16.60 19.22
CA ALA A 452 -13.33 16.94 17.95
C ALA A 452 -12.45 16.63 16.73
N ARG A 453 -11.18 16.30 16.98
CA ARG A 453 -10.22 15.98 15.91
C ARG A 453 -10.31 16.93 14.71
N PRO A 454 -10.16 18.24 14.95
CA PRO A 454 -10.25 19.16 13.81
C PRO A 454 -9.12 18.91 12.80
N ARG A 455 -9.46 19.03 11.52
CA ARG A 455 -8.48 18.92 10.43
C ARG A 455 -8.14 20.33 9.97
N ILE A 456 -6.86 20.67 9.95
CA ILE A 456 -6.44 22.00 9.51
C ILE A 456 -5.36 21.93 8.44
N PRO A 457 -5.49 22.74 7.38
CA PRO A 457 -4.56 22.57 6.26
C PRO A 457 -3.15 23.02 6.59
N LYS A 458 -2.18 22.22 6.16
CA LYS A 458 -0.79 22.63 6.18
C LYS A 458 -0.45 23.37 4.88
N GLU A 459 0.74 23.97 4.83
CA GLU A 459 1.22 24.53 3.57
C GLU A 459 1.18 23.54 2.41
N SER A 460 1.52 22.28 2.68
CA SER A 460 1.44 21.28 1.62
C SER A 460 0.05 21.11 1.04
N ALA A 461 -0.99 21.19 1.88
CA ALA A 461 -2.36 21.10 1.35
C ALA A 461 -2.65 22.27 0.40
N LYS A 462 -2.17 23.45 0.77
CA LYS A 462 -2.39 24.63 -0.05
C LYS A 462 -1.67 24.51 -1.39
N VAL A 463 -0.44 24.02 -1.37
CA VAL A 463 0.35 23.84 -2.58
C VAL A 463 -0.26 22.74 -3.45
N LEU A 464 -0.67 21.63 -2.84
CA LEU A 464 -1.30 20.57 -3.62
C LEU A 464 -2.63 21.06 -4.22
N ALA A 465 -3.38 21.88 -3.48
CA ALA A 465 -4.61 22.44 -4.04
C ALA A 465 -4.33 23.32 -5.25
N GLU A 466 -3.25 24.10 -5.18
CA GLU A 466 -2.82 24.94 -6.29
C GLU A 466 -2.46 24.08 -7.51
N ILE A 467 -1.72 23.00 -7.28
CA ILE A 467 -1.38 22.06 -8.34
C ILE A 467 -2.62 21.41 -8.94
N MET A 468 -3.54 20.98 -8.08
CA MET A 468 -4.77 20.36 -8.57
C MET A 468 -5.64 21.33 -9.35
N ASN A 469 -5.68 22.58 -8.91
CA ASN A 469 -6.50 23.57 -9.59
C ASN A 469 -5.91 24.00 -10.93
N THR A 470 -4.61 24.26 -10.96
CA THR A 470 -3.94 24.76 -12.16
C THR A 470 -3.52 23.64 -13.11
N ARG A 471 -3.45 22.41 -12.61
CA ARG A 471 -3.06 21.23 -13.39
C ARG A 471 -1.61 21.30 -13.87
N LYS A 472 -0.79 22.04 -13.13
CA LYS A 472 0.61 22.23 -13.49
C LYS A 472 1.43 22.39 -12.22
N ILE A 473 2.74 22.18 -12.34
CA ILE A 473 3.65 22.58 -11.29
C ILE A 473 3.85 24.09 -11.36
N PRO A 474 3.55 24.83 -10.28
CA PRO A 474 3.76 26.28 -10.33
C PRO A 474 5.21 26.66 -10.64
N GLU A 475 5.35 27.77 -11.36
CA GLU A 475 6.64 28.25 -11.82
C GLU A 475 7.69 28.29 -10.70
N ARG A 476 7.30 28.73 -9.51
CA ARG A 476 8.29 28.90 -8.44
C ARG A 476 8.92 27.60 -7.97
N PHE A 477 8.33 26.46 -8.34
CA PHE A 477 8.88 25.16 -7.96
C PHE A 477 9.63 24.47 -9.10
N ARG A 478 9.67 25.12 -10.26
CA ARG A 478 10.34 24.52 -11.41
C ARG A 478 11.85 24.67 -11.33
N ASP A 479 12.59 23.77 -11.95
CA ASP A 479 14.05 23.81 -11.91
C ASP A 479 14.59 25.15 -12.40
#